data_4GAJ
#
_entry.id   4GAJ
#
_cell.length_a   171.910
_cell.length_b   40.670
_cell.length_c   73.770
_cell.angle_alpha   90.00
_cell.angle_beta   112.11
_cell.angle_gamma   90.00
#
_symmetry.space_group_name_H-M   'C 1 2 1'
#
loop_
_entity.id
_entity.type
_entity.pdbx_description
1 polymer 'NEUTRALIZING ANTIBODY AP33 HEAVY CHAIN'
2 polymer 'NEUTRALIZING ANTIBODY AP33 LIGHT CHAIN'
3 polymer 'Genome polyprotein'
4 water water
#
loop_
_entity_poly.entity_id
_entity_poly.type
_entity_poly.pdbx_seq_one_letter_code
_entity_poly.pdbx_strand_id
1 'polypeptide(L)'
;EVQLQESGPSLVKPSQTLSLTCSVTGDSITSGYWNWIRKFPGNKLEYMGYISYSGSTYYNLSLRSRISITRDTSKNQYYL
QLNSVTTEDTATYYCALITTTTYAMDYWGQGTSVTVSSAKTTPPSVYPLAPGSAAQTNSMVTLGCLVKGYFPEPVTVTWN
SGSLSSGVHTFPAVLQSDLYTLSSSVTVPSSTWPSETVTCNVAHPASSTKVDKKIVPR
;
H
2 'polypeptide(L)'
;NIVLTQSPVSLAVSLGQRATISCRASESVDGYGNSFLHWFQQKPGQPPKLLIYLASNLNSGVPARFSGSGSRTDFTLTID
PVEADDAATYYCQQNNVDPWTFGGGTKLEIKRADAAPTVSIFPPSSEQLTSGGASVVCFLNNFYPKDINVKWKIDGSERQ
NGVLNSWTDQDSKDSTYSMSSTLTLTKDEYERHNSYTCEATHKTSTSPIVKSFNRNEC
;
L
3 'polypeptide(L)' IQLINTNGSWHINR P
#
# COMPACT_ATOMS: atom_id res chain seq x y z
N GLU A 1 -2.18 4.00 -24.17
CA GLU A 1 -1.01 3.75 -23.31
C GLU A 1 -0.19 5.05 -23.12
N VAL A 2 -0.86 6.08 -22.60
CA VAL A 2 -0.18 7.17 -21.90
C VAL A 2 0.34 6.63 -20.56
N GLN A 3 1.54 7.05 -20.20
CA GLN A 3 2.12 6.66 -18.94
C GLN A 3 2.57 7.90 -18.20
N LEU A 4 2.35 7.87 -16.89
CA LEU A 4 2.70 8.99 -16.02
C LEU A 4 3.61 8.50 -14.92
N GLN A 5 4.56 9.33 -14.51
CA GLN A 5 5.49 8.95 -13.45
C GLN A 5 6.00 10.09 -12.63
N GLU A 6 5.74 10.02 -11.34
CA GLU A 6 6.11 11.00 -10.37
C GLU A 6 7.54 10.87 -9.97
N SER A 7 8.23 11.99 -9.83
CA SER A 7 9.53 11.95 -9.16
C SER A 7 9.79 13.18 -8.33
N GLY A 8 10.67 13.02 -7.36
CA GLY A 8 11.03 14.11 -6.48
C GLY A 8 11.62 13.55 -5.20
N PRO A 9 12.10 14.41 -4.31
CA PRO A 9 12.75 13.87 -3.14
C PRO A 9 11.71 13.17 -2.31
N SER A 10 12.09 12.14 -1.60
CA SER A 10 11.17 11.48 -0.71
C SER A 10 11.25 12.01 0.72
N LEU A 11 12.12 12.99 1.00
CA LEU A 11 12.13 13.55 2.33
C LEU A 11 12.11 15.05 2.32
N VAL A 12 11.19 15.71 3.02
CA VAL A 12 11.25 17.19 3.09
C VAL A 12 11.18 17.72 4.53
N LYS A 13 11.76 18.88 4.75
CA LYS A 13 11.86 19.40 6.13
C LYS A 13 10.67 20.31 6.42
N PRO A 14 10.18 20.30 7.68
CA PRO A 14 9.01 21.12 8.03
C PRO A 14 9.21 22.57 7.57
N SER A 15 8.13 23.25 7.20
CA SER A 15 8.21 24.64 6.74
C SER A 15 8.83 24.85 5.33
N GLN A 16 9.38 23.83 4.69
CA GLN A 16 9.93 24.01 3.33
C GLN A 16 8.89 23.70 2.25
N THR A 17 9.33 23.85 1.00
CA THR A 17 8.53 23.63 -0.19
C THR A 17 8.82 22.19 -0.59
N LEU A 18 7.77 21.42 -0.83
CA LEU A 18 7.87 20.10 -1.49
C LEU A 18 7.61 20.25 -3.01
N SER A 19 8.53 19.73 -3.80
CA SER A 19 8.43 19.82 -5.24
C SER A 19 8.47 18.47 -5.85
N LEU A 20 7.50 18.21 -6.73
CA LEU A 20 7.39 16.92 -7.38
C LEU A 20 7.13 17.15 -8.83
N THR A 21 7.51 16.18 -9.62
CA THR A 21 7.40 16.24 -11.05
C THR A 21 6.68 15.03 -11.57
N CYS A 22 5.88 15.23 -12.61
CA CYS A 22 5.21 14.11 -13.28
C CYS A 22 5.56 14.07 -14.77
N SER A 23 6.27 13.05 -15.24
CA SER A 23 6.67 12.94 -16.67
C SER A 23 5.64 12.13 -17.38
N VAL A 24 5.25 12.59 -18.54
CA VAL A 24 4.18 11.95 -19.30
C VAL A 24 4.81 11.45 -20.61
N THR A 25 4.50 10.21 -20.99
CA THR A 25 5.06 9.57 -22.18
C THR A 25 3.90 8.84 -22.85
N GLY A 26 3.78 8.92 -24.19
CA GLY A 26 2.65 8.35 -25.00
C GLY A 26 1.55 9.32 -25.46
N ASP A 27 1.91 10.58 -25.64
CA ASP A 27 1.06 11.71 -26.10
C ASP A 27 1.33 13.00 -25.30
N THR A 30 -1.85 19.68 -23.87
CA THR A 30 -2.77 20.48 -24.69
C THR A 30 -4.07 19.76 -25.18
N SER A 31 -4.29 18.56 -24.61
CA SER A 31 -5.49 17.78 -24.78
C SER A 31 -6.47 17.88 -23.54
N GLY A 32 -6.00 17.56 -22.32
CA GLY A 32 -6.88 17.51 -21.11
C GLY A 32 -6.40 18.07 -19.73
N TYR A 33 -6.82 17.43 -18.63
CA TYR A 33 -6.61 17.90 -17.24
C TYR A 33 -5.60 17.06 -16.50
N TRP A 34 -4.54 17.68 -16.03
CA TRP A 34 -3.42 16.98 -15.44
C TRP A 34 -3.40 17.13 -13.92
N ASN A 35 -3.52 16.05 -13.20
CA ASN A 35 -3.91 16.20 -11.79
C ASN A 35 -2.89 15.69 -10.82
N TRP A 36 -2.98 16.21 -9.61
CA TRP A 36 -2.25 15.67 -8.49
C TRP A 36 -3.24 15.25 -7.38
N ILE A 37 -2.97 14.13 -6.73
CA ILE A 37 -3.81 13.54 -5.71
C ILE A 37 -2.84 12.91 -4.73
N ARG A 38 -3.23 12.82 -3.45
CA ARG A 38 -2.43 12.10 -2.46
C ARG A 38 -3.29 11.19 -1.54
N LYS A 39 -2.61 10.20 -0.96
CA LYS A 39 -3.16 9.25 -0.07
C LYS A 39 -2.38 9.37 1.25
N PHE A 40 -3.09 9.69 2.34
CA PHE A 40 -2.47 9.82 3.69
C PHE A 40 -2.03 8.49 4.25
N PRO A 41 -1.16 8.52 5.27
CA PRO A 41 -0.63 7.24 5.73
C PRO A 41 -1.74 6.34 6.23
N GLY A 42 -2.85 6.92 6.68
CA GLY A 42 -4.01 6.15 7.14
C GLY A 42 -4.99 5.80 6.02
N ASN A 43 -4.55 6.07 4.77
CA ASN A 43 -5.21 5.58 3.56
C ASN A 43 -6.26 6.47 2.86
N LYS A 44 -6.70 7.54 3.52
CA LYS A 44 -7.66 8.43 2.87
C LYS A 44 -7.01 9.18 1.68
N LEU A 45 -7.78 9.36 0.60
CA LEU A 45 -7.31 10.14 -0.55
C LEU A 45 -7.87 11.55 -0.57
N GLU A 46 -7.03 12.50 -0.97
CA GLU A 46 -7.41 13.87 -1.15
C GLU A 46 -7.03 14.44 -2.54
N TYR A 47 -7.96 15.13 -3.17
CA TYR A 47 -7.74 15.70 -4.47
C TYR A 47 -7.01 17.03 -4.32
N MET A 48 -5.86 17.16 -4.99
CA MET A 48 -5.01 18.35 -4.81
C MET A 48 -5.29 19.42 -5.84
N GLY A 49 -5.18 19.11 -7.13
CA GLY A 49 -5.53 20.08 -8.17
C GLY A 49 -5.17 19.62 -9.59
N TYR A 50 -5.45 20.48 -10.58
CA TYR A 50 -4.94 20.29 -11.92
C TYR A 50 -4.30 21.54 -12.50
N ILE A 51 -3.72 21.37 -13.68
CA ILE A 51 -3.54 22.43 -14.64
C ILE A 51 -4.10 21.80 -15.91
N SER A 52 -5.09 22.46 -16.50
CA SER A 52 -5.69 22.05 -17.75
C SER A 52 -4.76 22.30 -18.94
N TYR A 53 -5.14 21.74 -20.08
CA TYR A 53 -4.52 22.04 -21.38
C TYR A 53 -4.38 23.52 -21.67
N SER A 54 -5.25 24.34 -21.09
CA SER A 54 -5.25 25.77 -21.41
C SER A 54 -4.29 26.58 -20.58
N GLY A 55 -3.69 25.98 -19.55
CA GLY A 55 -2.84 26.69 -18.61
C GLY A 55 -3.62 27.04 -17.33
N SER A 56 -4.95 26.90 -17.39
CA SER A 56 -5.82 27.17 -16.26
C SER A 56 -5.63 26.15 -15.15
N THR A 57 -5.75 26.60 -13.90
CA THR A 57 -5.62 25.73 -12.72
C THR A 57 -6.89 25.65 -11.86
N TYR A 58 -7.01 24.56 -11.14
CA TYR A 58 -8.06 24.43 -10.15
C TYR A 58 -7.42 23.67 -8.99
N TYR A 59 -7.51 24.29 -7.81
CA TYR A 59 -6.92 23.78 -6.57
C TYR A 59 -8.01 23.56 -5.51
N ASN A 60 -7.92 22.46 -4.77
CA ASN A 60 -8.68 22.29 -3.53
C ASN A 60 -8.51 23.50 -2.58
N LEU A 61 -9.61 24.19 -2.28
CA LEU A 61 -9.59 25.35 -1.40
C LEU A 61 -8.93 25.10 -0.03
N SER A 62 -8.82 23.84 0.38
CA SER A 62 -8.12 23.56 1.63
C SER A 62 -6.60 23.65 1.48
N LEU A 63 -6.14 23.98 0.29
CA LEU A 63 -4.73 24.06 0.03
C LEU A 63 -4.38 25.28 -0.80
N ARG A 64 -5.40 25.94 -1.35
CA ARG A 64 -5.24 27.01 -2.33
C ARG A 64 -4.18 28.08 -1.96
N SER A 65 -3.90 28.26 -0.66
CA SER A 65 -2.87 29.23 -0.25
C SER A 65 -1.40 28.75 -0.41
N ARG A 66 -1.18 27.44 -0.37
CA ARG A 66 0.17 26.86 -0.40
C ARG A 66 0.47 26.06 -1.68
N ILE A 67 -0.43 26.03 -2.64
CA ILE A 67 -0.25 25.10 -3.71
C ILE A 67 -0.01 25.75 -5.06
N SER A 68 0.74 25.07 -5.92
CA SER A 68 1.01 25.58 -7.24
C SER A 68 1.28 24.43 -8.15
N ILE A 69 0.55 24.37 -9.25
CA ILE A 69 0.77 23.35 -10.23
C ILE A 69 1.06 24.04 -11.54
N THR A 70 2.14 23.63 -12.18
CA THR A 70 2.54 24.26 -13.43
C THR A 70 2.90 23.10 -14.39
N ARG A 71 3.06 23.43 -15.68
CA ARG A 71 3.55 22.46 -16.70
C ARG A 71 4.57 23.06 -17.64
N ASP A 72 5.36 22.21 -18.27
CA ASP A 72 6.23 22.62 -19.36
C ASP A 72 5.88 21.68 -20.49
N THR A 73 5.09 22.14 -21.45
CA THR A 73 4.54 21.24 -22.49
C THR A 73 5.55 20.78 -23.51
N SER A 74 6.82 21.08 -23.29
CA SER A 74 7.83 20.69 -24.24
C SER A 74 8.94 19.95 -23.55
N LYS A 75 8.80 19.73 -22.25
CA LYS A 75 9.48 18.60 -21.65
C LYS A 75 8.42 17.55 -21.36
N ASN A 76 7.18 17.80 -21.79
CA ASN A 76 6.08 16.87 -21.51
C ASN A 76 6.05 16.53 -20.00
N GLN A 77 6.01 17.54 -19.16
CA GLN A 77 6.20 17.33 -17.74
C GLN A 77 5.27 18.29 -17.05
N TYR A 78 4.82 17.94 -15.86
CA TYR A 78 4.16 18.93 -15.03
C TYR A 78 4.50 18.75 -13.56
N TYR A 79 4.18 19.78 -12.77
CA TYR A 79 4.88 20.05 -11.51
C TYR A 79 3.95 20.43 -10.40
N LEU A 80 4.21 19.91 -9.22
CA LEU A 80 3.53 20.29 -7.99
C LEU A 80 4.54 21.00 -7.10
N GLN A 81 4.06 22.08 -6.48
CA GLN A 81 4.83 22.81 -5.52
C GLN A 81 3.87 23.05 -4.36
N LEU A 82 4.28 22.63 -3.16
CA LEU A 82 3.46 22.81 -1.97
C LEU A 82 4.36 23.42 -0.90
N ASN A 83 4.06 24.66 -0.54
CA ASN A 83 4.84 25.43 0.45
C ASN A 83 4.51 25.09 1.90
N SER A 84 5.40 25.52 2.81
CA SER A 84 5.15 25.56 4.26
C SER A 84 4.56 24.25 4.76
N VAL A 85 5.23 23.16 4.46
CA VAL A 85 4.74 21.85 4.75
C VAL A 85 4.95 21.52 6.21
N THR A 86 4.06 20.67 6.75
CA THR A 86 4.11 20.13 8.11
C THR A 86 4.00 18.62 7.96
N THR A 87 3.88 17.90 9.08
CA THR A 87 3.88 16.46 9.07
C THR A 87 2.58 15.89 8.52
N GLU A 88 1.55 16.72 8.50
CA GLU A 88 0.27 16.31 8.00
C GLU A 88 0.31 16.19 6.46
N ASP A 89 1.39 16.69 5.85
CA ASP A 89 1.59 16.61 4.40
C ASP A 89 2.29 15.35 3.93
N THR A 90 2.58 14.43 4.85
CA THR A 90 3.17 13.13 4.54
C THR A 90 2.17 12.21 3.83
N ALA A 91 2.55 11.60 2.71
CA ALA A 91 1.57 10.94 1.81
C ALA A 91 2.26 10.36 0.63
N THR A 92 1.57 9.46 -0.07
CA THR A 92 2.02 9.02 -1.36
C THR A 92 1.36 9.99 -2.32
N TYR A 93 2.16 10.62 -3.18
CA TYR A 93 1.66 11.54 -4.18
C TYR A 93 1.49 10.91 -5.55
N TYR A 94 0.35 11.19 -6.18
CA TYR A 94 0.04 10.65 -7.48
C TYR A 94 -0.16 11.76 -8.46
N CYS A 95 0.20 11.48 -9.70
CA CYS A 95 -0.29 12.27 -10.79
C CYS A 95 -1.20 11.37 -11.60
N ALA A 96 -2.27 11.97 -12.09
CA ALA A 96 -3.21 11.30 -12.93
C ALA A 96 -3.85 12.29 -13.91
N LEU A 97 -4.39 11.79 -15.01
CA LEU A 97 -4.97 12.59 -16.04
C LEU A 97 -6.47 12.41 -16.02
N ILE A 98 -7.20 13.46 -16.44
CA ILE A 98 -8.61 13.40 -16.80
C ILE A 98 -8.76 13.77 -18.30
N THR A 99 -9.37 12.87 -19.09
CA THR A 99 -9.83 13.16 -20.47
C THR A 99 -11.37 13.35 -20.52
N THR A 100 -11.90 14.01 -21.55
CA THR A 100 -13.36 14.11 -21.76
C THR A 100 -14.00 12.82 -22.28
N THR A 101 -13.18 11.86 -22.72
CA THR A 101 -13.70 10.54 -22.99
C THR A 101 -14.47 10.03 -21.76
N THR A 102 -13.93 10.26 -20.55
CA THR A 102 -14.54 9.72 -19.37
C THR A 102 -14.85 10.75 -18.28
N TYR A 103 -14.15 11.87 -18.25
CA TYR A 103 -14.36 12.88 -17.19
C TYR A 103 -13.98 12.31 -15.84
N ALA A 104 -13.00 11.41 -15.88
CA ALA A 104 -12.58 10.68 -14.72
C ALA A 104 -11.05 10.59 -14.73
N MET A 105 -10.49 10.23 -13.60
CA MET A 105 -9.05 10.10 -13.46
CA MET A 105 -9.06 10.11 -13.47
C MET A 105 -8.62 8.77 -14.06
N ASP A 106 -8.45 8.77 -15.41
CA ASP A 106 -8.33 7.53 -16.20
C ASP A 106 -7.07 6.74 -16.02
N TYR A 107 -5.94 7.45 -15.88
CA TYR A 107 -4.58 6.87 -15.96
C TYR A 107 -3.85 7.51 -14.85
N TRP A 108 -2.97 6.74 -14.18
CA TRP A 108 -2.39 7.10 -12.89
C TRP A 108 -0.92 6.66 -12.85
N GLY A 109 -0.10 7.41 -12.12
CA GLY A 109 1.27 7.07 -11.93
C GLY A 109 1.28 6.06 -10.82
N GLN A 110 2.46 5.49 -10.57
CA GLN A 110 2.64 4.51 -9.52
C GLN A 110 2.62 5.22 -8.18
N GLY A 111 2.77 6.54 -8.21
CA GLY A 111 2.77 7.32 -6.98
C GLY A 111 4.12 7.35 -6.33
N THR A 112 4.42 8.44 -5.66
CA THR A 112 5.67 8.48 -4.97
C THR A 112 5.50 8.99 -3.54
N SER A 113 6.31 8.46 -2.63
CA SER A 113 6.12 8.72 -1.22
C SER A 113 6.93 9.88 -0.77
N VAL A 114 6.29 10.76 0.00
CA VAL A 114 6.97 11.94 0.53
C VAL A 114 6.67 12.02 1.99
N THR A 115 7.72 12.31 2.74
CA THR A 115 7.70 12.36 4.17
C THR A 115 8.18 13.72 4.58
N VAL A 116 7.40 14.37 5.42
CA VAL A 116 7.82 15.64 6.00
C VAL A 116 8.27 15.26 7.36
N SER A 117 9.49 15.66 7.73
CA SER A 117 10.15 15.20 8.95
C SER A 117 11.51 15.88 9.01
N SER A 118 12.02 16.08 10.22
CA SER A 118 13.34 16.74 10.38
C SER A 118 14.43 15.73 10.68
N ALA A 119 14.05 14.48 10.94
CA ALA A 119 15.06 13.41 11.02
C ALA A 119 15.88 13.22 9.71
N LYS A 120 16.94 12.43 9.86
CA LYS A 120 17.98 12.27 8.88
C LYS A 120 17.64 11.03 8.13
N THR A 121 18.01 11.03 6.85
CA THR A 121 17.95 9.84 5.99
C THR A 121 18.85 8.72 6.48
N THR A 122 18.28 7.57 6.81
CA THR A 122 19.11 6.48 7.27
C THR A 122 18.96 5.26 6.36
N PRO A 123 20.06 4.82 5.73
CA PRO A 123 19.93 3.62 4.93
C PRO A 123 19.55 2.42 5.79
N PRO A 124 19.06 1.35 5.16
CA PRO A 124 18.67 0.21 5.97
C PRO A 124 19.84 -0.78 6.16
N SER A 125 19.73 -1.58 7.21
CA SER A 125 20.50 -2.78 7.35
C SER A 125 19.57 -3.90 7.04
N VAL A 126 20.14 -4.87 6.32
CA VAL A 126 19.46 -5.99 5.71
C VAL A 126 20.13 -7.24 6.27
N TYR A 127 19.35 -8.17 6.83
CA TYR A 127 19.92 -9.39 7.42
C TYR A 127 19.33 -10.64 6.80
N PRO A 128 20.17 -11.67 6.57
CA PRO A 128 19.59 -12.91 6.04
C PRO A 128 18.86 -13.65 7.15
N LEU A 129 17.73 -14.21 6.81
CA LEU A 129 16.96 -15.05 7.72
C LEU A 129 16.97 -16.49 7.23
N ALA A 130 18.11 -17.15 7.46
CA ALA A 130 18.35 -18.56 7.16
C ALA A 130 17.65 -19.47 8.19
N PRO A 131 17.21 -20.69 7.77
CA PRO A 131 16.28 -21.51 8.61
C PRO A 131 16.89 -22.16 9.85
N ASN A 138 11.85 -30.14 4.94
CA ASN A 138 10.52 -30.41 4.38
C ASN A 138 10.49 -30.45 2.83
N SER A 139 9.31 -30.31 2.22
CA SER A 139 9.22 -30.13 0.75
C SER A 139 9.49 -28.67 0.35
N MET A 140 9.14 -27.78 1.27
CA MET A 140 9.30 -26.34 1.12
C MET A 140 10.18 -25.79 2.27
N VAL A 141 11.06 -24.87 1.92
CA VAL A 141 11.87 -24.12 2.89
C VAL A 141 11.51 -22.62 2.83
N THR A 142 11.18 -22.01 3.98
CA THR A 142 10.94 -20.58 4.00
C THR A 142 12.13 -19.79 4.56
N LEU A 143 12.64 -18.87 3.71
CA LEU A 143 13.74 -17.96 4.05
C LEU A 143 13.23 -16.53 4.32
N GLY A 144 14.15 -15.58 4.47
CA GLY A 144 13.73 -14.24 4.79
C GLY A 144 14.81 -13.18 4.69
N CYS A 145 14.38 -11.94 4.78
CA CYS A 145 15.28 -10.81 4.90
C CYS A 145 14.67 -9.87 5.89
N LEU A 146 15.46 -9.49 6.86
CA LEU A 146 15.06 -8.49 7.81
C LEU A 146 15.69 -7.23 7.30
N VAL A 147 14.94 -6.15 7.35
CA VAL A 147 15.40 -4.87 6.81
C VAL A 147 15.14 -3.93 7.94
N LYS A 148 16.21 -3.56 8.63
CA LYS A 148 16.11 -2.85 9.87
C LYS A 148 16.84 -1.54 9.76
N GLY A 149 16.24 -0.49 10.33
CA GLY A 149 16.94 0.73 10.70
C GLY A 149 17.00 1.79 9.65
N TYR A 150 15.91 1.93 8.90
CA TYR A 150 15.93 2.93 7.84
C TYR A 150 14.90 4.03 8.04
N PHE A 151 15.13 5.15 7.37
CA PHE A 151 14.22 6.24 7.39
C PHE A 151 14.56 7.11 6.26
N PRO A 152 13.54 7.61 5.52
CA PRO A 152 12.08 7.38 5.65
C PRO A 152 11.64 6.19 4.85
N GLU A 153 10.33 5.89 4.83
CA GLU A 153 9.74 4.97 3.86
C GLU A 153 9.98 5.57 2.47
N PRO A 154 9.90 4.75 1.41
CA PRO A 154 9.67 3.30 1.35
C PRO A 154 10.96 2.48 1.13
N VAL A 155 10.81 1.15 1.19
CA VAL A 155 11.81 0.21 0.70
C VAL A 155 11.11 -0.73 -0.29
N THR A 156 11.80 -1.08 -1.36
CA THR A 156 11.25 -2.15 -2.21
C THR A 156 12.09 -3.40 -2.09
N VAL A 157 11.42 -4.54 -1.94
CA VAL A 157 12.12 -5.81 -1.84
C VAL A 157 11.78 -6.76 -2.99
N THR A 158 12.81 -7.18 -3.73
CA THR A 158 12.66 -8.24 -4.72
C THR A 158 13.53 -9.44 -4.36
N TRP A 159 13.49 -10.47 -5.20
CA TRP A 159 14.25 -11.69 -4.97
C TRP A 159 14.87 -12.20 -6.28
N ASN A 160 16.15 -12.52 -6.23
CA ASN A 160 16.94 -12.77 -7.45
C ASN A 160 16.57 -11.70 -8.49
N SER A 161 16.97 -10.47 -8.23
CA SER A 161 16.63 -9.30 -9.07
C SER A 161 15.30 -9.38 -9.83
N GLY A 162 14.28 -9.95 -9.20
CA GLY A 162 12.94 -9.99 -9.76
C GLY A 162 12.56 -11.36 -10.24
N SER A 163 13.52 -12.05 -10.84
CA SER A 163 13.30 -13.35 -11.49
C SER A 163 12.48 -14.39 -10.68
N LEU A 164 12.52 -14.28 -9.35
CA LEU A 164 11.85 -15.22 -8.45
C LEU A 164 10.81 -14.47 -7.67
N SER A 165 9.56 -14.66 -8.02
CA SER A 165 8.51 -13.72 -7.67
C SER A 165 7.34 -14.35 -6.92
N SER A 166 7.15 -15.64 -7.12
CA SER A 166 6.05 -16.30 -6.44
C SER A 166 6.51 -16.85 -5.09
N GLY A 167 5.57 -16.97 -4.16
CA GLY A 167 5.86 -17.44 -2.82
C GLY A 167 6.47 -16.36 -1.91
N VAL A 168 6.25 -15.10 -2.25
CA VAL A 168 6.86 -13.97 -1.54
C VAL A 168 5.85 -13.22 -0.68
N HIS A 169 6.20 -12.95 0.56
CA HIS A 169 5.44 -12.03 1.40
C HIS A 169 6.35 -10.94 1.88
N THR A 170 6.02 -9.70 1.51
CA THR A 170 6.75 -8.54 2.01
C THR A 170 5.83 -7.78 2.93
N PHE A 171 6.27 -7.68 4.18
CA PHE A 171 5.42 -7.23 5.23
C PHE A 171 5.45 -5.73 5.34
N PRO A 172 4.31 -5.15 5.69
CA PRO A 172 4.28 -3.72 6.00
C PRO A 172 5.32 -3.38 7.08
N ALA A 173 6.03 -2.28 6.89
CA ALA A 173 7.02 -1.84 7.87
C ALA A 173 6.39 -1.34 9.18
N VAL A 174 7.25 -1.04 10.16
CA VAL A 174 6.83 -0.52 11.46
C VAL A 174 7.90 0.35 12.09
N LEU A 175 7.43 1.40 12.77
CA LEU A 175 8.26 2.48 13.27
C LEU A 175 8.56 2.27 14.74
N GLN A 176 9.85 2.26 15.10
CA GLN A 176 10.29 2.31 16.51
C GLN A 176 11.59 3.08 16.53
N SER A 177 11.92 3.69 17.66
CA SER A 177 13.24 4.35 17.78
C SER A 177 13.47 5.45 16.70
N ASP A 178 12.36 5.95 16.12
CA ASP A 178 12.39 6.94 15.02
C ASP A 178 12.78 6.33 13.64
N LEU A 179 12.65 5.00 13.51
CA LEU A 179 13.25 4.22 12.40
C LEU A 179 12.43 3.00 12.05
N TYR A 180 12.40 2.61 10.77
CA TYR A 180 11.54 1.50 10.32
C TYR A 180 12.24 0.15 10.15
N THR A 181 11.48 -0.90 10.44
CA THR A 181 11.88 -2.25 10.20
C THR A 181 10.76 -2.94 9.46
N LEU A 182 11.15 -3.82 8.55
CA LEU A 182 10.22 -4.57 7.76
C LEU A 182 10.92 -5.89 7.52
N SER A 183 10.13 -6.96 7.43
CA SER A 183 10.64 -8.26 7.02
C SER A 183 10.01 -8.71 5.71
N SER A 184 10.67 -9.65 5.03
CA SER A 184 10.13 -10.31 3.83
C SER A 184 10.46 -11.80 3.79
N SER A 185 9.45 -12.62 3.51
CA SER A 185 9.60 -14.07 3.42
C SER A 185 9.56 -14.57 1.98
N VAL A 186 10.32 -15.64 1.70
CA VAL A 186 10.23 -16.41 0.43
C VAL A 186 10.30 -17.94 0.64
N THR A 187 9.37 -18.67 -0.01
CA THR A 187 9.25 -20.13 0.07
C THR A 187 9.59 -20.78 -1.28
N VAL A 188 10.61 -21.66 -1.27
CA VAL A 188 11.04 -22.35 -2.50
C VAL A 188 11.01 -23.89 -2.35
N PRO A 189 11.20 -24.61 -3.48
CA PRO A 189 11.58 -26.02 -3.47
C PRO A 189 12.72 -26.28 -2.51
N SER A 190 12.42 -27.06 -1.47
CA SER A 190 13.42 -27.69 -0.60
C SER A 190 14.65 -28.21 -1.34
N SER A 191 14.42 -28.93 -2.45
CA SER A 191 15.51 -29.59 -3.18
C SER A 191 16.55 -28.67 -3.81
N THR A 192 16.13 -27.49 -4.26
CA THR A 192 17.05 -26.68 -5.07
C THR A 192 17.59 -25.43 -4.34
N TRP A 193 17.31 -25.36 -3.04
CA TRP A 193 18.04 -24.50 -2.11
C TRP A 193 18.53 -25.33 -0.92
N PRO A 194 19.84 -25.22 -0.57
CA PRO A 194 20.86 -24.21 -0.93
C PRO A 194 21.56 -24.43 -2.25
N SER A 195 21.17 -25.50 -2.94
CA SER A 195 21.77 -25.88 -4.20
C SER A 195 21.79 -24.71 -5.23
N GLU A 196 20.71 -23.92 -5.27
CA GLU A 196 20.57 -22.83 -6.27
C GLU A 196 20.13 -21.46 -5.69
N THR A 197 21.08 -20.52 -5.71
CA THR A 197 21.15 -19.38 -4.77
C THR A 197 19.98 -18.40 -4.74
N VAL A 198 19.69 -17.91 -3.55
CA VAL A 198 18.60 -16.97 -3.32
C VAL A 198 19.13 -15.65 -2.70
N THR A 199 18.76 -14.54 -3.33
CA THR A 199 19.30 -13.23 -3.00
C THR A 199 18.17 -12.19 -2.89
N CYS A 200 17.92 -11.67 -1.68
CA CYS A 200 17.04 -10.50 -1.56
C CYS A 200 17.72 -9.22 -2.02
N ASN A 201 16.96 -8.41 -2.76
CA ASN A 201 17.41 -7.11 -3.21
C ASN A 201 16.60 -6.07 -2.48
N VAL A 202 17.22 -4.93 -2.22
CA VAL A 202 16.61 -3.96 -1.35
C VAL A 202 17.02 -2.63 -1.84
N ALA A 203 16.02 -1.83 -2.21
CA ALA A 203 16.27 -0.50 -2.74
C ALA A 203 15.65 0.44 -1.74
N HIS A 204 16.45 1.42 -1.32
CA HIS A 204 15.97 2.48 -0.45
C HIS A 204 16.13 3.81 -1.17
N PRO A 205 15.09 4.24 -1.90
CA PRO A 205 15.10 5.45 -2.69
C PRO A 205 15.78 6.60 -1.98
N ALA A 206 15.39 6.89 -0.74
CA ALA A 206 15.71 8.18 -0.12
C ALA A 206 17.21 8.34 0.18
N SER A 207 17.88 7.22 0.45
CA SER A 207 19.33 7.20 0.57
C SER A 207 19.99 6.80 -0.74
N SER A 208 19.17 6.25 -1.65
CA SER A 208 19.60 5.77 -2.97
C SER A 208 20.68 4.67 -2.84
N THR A 209 20.22 3.53 -2.33
CA THR A 209 21.07 2.51 -1.80
C THR A 209 20.41 1.22 -2.18
N LYS A 210 21.21 0.27 -2.63
CA LYS A 210 20.67 -1.00 -3.01
C LYS A 210 21.58 -2.01 -2.34
N VAL A 211 20.96 -2.98 -1.68
CA VAL A 211 21.68 -4.05 -1.02
C VAL A 211 21.13 -5.38 -1.51
N ASP A 212 21.99 -6.25 -2.03
CA ASP A 212 21.58 -7.65 -2.27
C ASP A 212 22.26 -8.51 -1.22
N LYS A 213 21.46 -9.20 -0.41
CA LYS A 213 22.00 -10.12 0.57
C LYS A 213 21.74 -11.57 0.17
N LYS A 214 22.81 -12.39 0.14
CA LYS A 214 22.70 -13.83 -0.14
C LYS A 214 22.29 -14.58 1.13
N ILE A 215 21.35 -15.51 1.00
CA ILE A 215 20.89 -16.31 2.13
C ILE A 215 21.58 -17.66 2.10
N VAL A 216 22.70 -17.73 2.84
CA VAL A 216 23.53 -18.93 3.02
C VAL A 216 23.03 -19.67 4.28
N PRO A 217 23.06 -21.04 4.28
CA PRO A 217 22.54 -21.85 5.40
C PRO A 217 23.36 -21.74 6.68
N ASN B 1 -18.50 21.88 3.57
CA ASN B 1 -18.27 21.31 2.18
C ASN B 1 -18.93 19.95 1.97
N ILE B 2 -19.11 19.58 0.70
CA ILE B 2 -19.52 18.23 0.27
C ILE B 2 -18.72 17.00 0.80
N VAL B 3 -19.41 16.07 1.44
CA VAL B 3 -18.77 14.85 1.92
C VAL B 3 -19.36 13.67 1.17
N LEU B 4 -18.52 12.67 0.88
CA LEU B 4 -18.99 11.46 0.23
C LEU B 4 -18.92 10.43 1.33
N THR B 5 -20.02 9.74 1.53
CA THR B 5 -20.07 8.78 2.61
C THR B 5 -20.20 7.43 1.95
N GLN B 6 -19.20 6.61 2.21
CA GLN B 6 -19.23 5.24 1.78
C GLN B 6 -19.55 4.29 2.92
N SER B 7 -20.39 3.31 2.58
CA SER B 7 -20.74 2.25 3.52
C SER B 7 -20.77 0.91 2.77
N PRO B 8 -20.41 -0.20 3.46
CA PRO B 8 -19.81 -0.24 4.80
C PRO B 8 -18.34 0.17 4.70
N VAL B 9 -17.59 0.21 5.80
CA VAL B 9 -16.16 0.41 5.61
C VAL B 9 -15.47 -0.89 5.14
N SER B 10 -15.99 -2.02 5.63
CA SER B 10 -15.53 -3.35 5.22
C SER B 10 -16.71 -4.30 5.15
N LEU B 11 -16.52 -5.37 4.37
CA LEU B 11 -17.58 -6.24 3.89
C LEU B 11 -16.92 -7.51 3.36
N ALA B 12 -17.41 -8.67 3.80
CA ALA B 12 -16.89 -9.96 3.37
C ALA B 12 -17.87 -10.78 2.51
N VAL B 13 -17.38 -11.28 1.36
CA VAL B 13 -18.19 -11.98 0.37
C VAL B 13 -17.53 -13.34 0.00
N SER B 14 -18.34 -14.36 -0.36
CA SER B 14 -17.83 -15.69 -0.74
C SER B 14 -17.39 -15.70 -2.18
N LEU B 15 -16.55 -16.66 -2.57
CA LEU B 15 -16.12 -16.72 -3.96
C LEU B 15 -17.28 -17.11 -4.92
N GLY B 16 -17.92 -16.11 -5.49
CA GLY B 16 -19.03 -16.31 -6.46
C GLY B 16 -20.22 -15.43 -6.15
N GLN B 17 -20.27 -14.90 -4.92
CA GLN B 17 -21.33 -13.97 -4.50
C GLN B 17 -21.43 -12.60 -5.22
N ARG B 18 -22.32 -11.76 -4.69
CA ARG B 18 -22.48 -10.40 -5.17
C ARG B 18 -22.10 -9.43 -4.04
N ALA B 19 -21.24 -8.48 -4.38
CA ALA B 19 -20.86 -7.39 -3.48
C ALA B 19 -21.57 -6.10 -3.84
N THR B 20 -21.94 -5.34 -2.81
CA THR B 20 -22.72 -4.10 -3.02
C THR B 20 -22.29 -2.98 -2.07
N ILE B 21 -21.87 -1.87 -2.68
CA ILE B 21 -21.14 -0.82 -1.99
C ILE B 21 -21.89 0.49 -2.16
N SER B 22 -21.94 1.28 -1.10
CA SER B 22 -22.77 2.49 -1.07
CA SER B 22 -22.77 2.49 -1.09
C SER B 22 -21.98 3.80 -0.97
N CYS B 23 -22.34 4.76 -1.82
CA CYS B 23 -21.76 6.11 -1.78
C CYS B 23 -22.90 7.16 -1.74
N ARG B 24 -22.91 8.03 -0.74
CA ARG B 24 -23.94 9.05 -0.61
C ARG B 24 -23.30 10.46 -0.56
N ALA B 25 -23.62 11.30 -1.54
CA ALA B 25 -23.18 12.70 -1.46
C ALA B 25 -24.12 13.54 -0.59
N SER B 26 -23.55 14.51 0.12
CA SER B 26 -24.28 15.39 1.01
C SER B 26 -24.97 16.50 0.23
N GLU B 27 -25.15 16.29 -1.07
CA GLU B 27 -25.53 17.36 -2.01
C GLU B 27 -25.14 16.82 -3.37
N SER B 28 -25.85 17.25 -4.42
CA SER B 28 -25.78 16.62 -5.75
C SER B 28 -24.46 16.77 -6.53
N VAL B 29 -24.17 15.76 -7.35
CA VAL B 29 -22.97 15.74 -8.19
C VAL B 29 -23.33 15.60 -9.67
N ASP B 30 -24.50 16.13 -10.02
CA ASP B 30 -25.04 16.08 -11.41
C ASP B 30 -24.89 17.37 -12.23
N GLY B 31 -24.78 17.19 -13.53
CA GLY B 31 -24.62 18.30 -14.43
C GLY B 31 -24.75 17.88 -15.86
N TYR B 32 -25.56 18.64 -16.60
CA TYR B 32 -25.68 18.49 -18.05
C TYR B 32 -26.11 17.09 -18.48
N GLY B 33 -26.88 16.41 -17.63
CA GLY B 33 -27.40 15.09 -17.94
C GLY B 33 -26.36 14.02 -17.71
N ASN B 34 -25.59 14.18 -16.63
CA ASN B 34 -24.51 13.23 -16.27
C ASN B 34 -24.31 13.21 -14.78
N SER B 35 -23.68 12.15 -14.29
CA SER B 35 -23.29 12.10 -12.88
C SER B 35 -21.76 12.03 -12.72
N PHE B 36 -21.16 13.05 -12.07
CA PHE B 36 -19.71 13.07 -11.96
C PHE B 36 -19.29 12.32 -10.71
N LEU B 37 -19.66 11.04 -10.72
CA LEU B 37 -19.38 10.10 -9.68
C LEU B 37 -18.62 8.93 -10.30
N HIS B 38 -17.51 8.59 -9.70
CA HIS B 38 -16.58 7.67 -10.32
C HIS B 38 -16.15 6.67 -9.28
N TRP B 39 -15.79 5.49 -9.74
CA TRP B 39 -15.37 4.43 -8.85
C TRP B 39 -14.01 3.84 -9.22
N PHE B 40 -13.25 3.50 -8.19
CA PHE B 40 -11.89 3.04 -8.30
C PHE B 40 -11.70 1.84 -7.37
N GLN B 41 -10.77 0.99 -7.78
CA GLN B 41 -10.27 -0.11 -6.99
C GLN B 41 -8.77 0.13 -6.61
N GLN B 42 -8.41 -0.07 -5.35
CA GLN B 42 -7.01 0.10 -4.99
C GLN B 42 -6.42 -1.03 -4.18
N LYS B 43 -5.46 -1.69 -4.80
CA LYS B 43 -4.63 -2.72 -4.19
C LYS B 43 -3.39 -2.05 -3.64
N PRO B 44 -2.76 -2.63 -2.60
CA PRO B 44 -1.57 -1.94 -2.02
C PRO B 44 -0.38 -2.00 -2.97
N GLY B 45 0.53 -1.04 -2.82
CA GLY B 45 1.60 -0.81 -3.80
C GLY B 45 1.13 -0.38 -5.19
N GLN B 46 -0.18 -0.25 -5.35
CA GLN B 46 -0.75 0.13 -6.64
C GLN B 46 -1.52 1.38 -6.40
N PRO B 47 -1.64 2.21 -7.43
CA PRO B 47 -2.55 3.35 -7.47
C PRO B 47 -4.02 2.91 -7.68
N PRO B 48 -5.00 3.81 -7.42
CA PRO B 48 -6.38 3.52 -7.85
C PRO B 48 -6.47 3.18 -9.35
N LYS B 49 -7.33 2.24 -9.72
CA LYS B 49 -7.60 1.93 -11.11
C LYS B 49 -9.07 2.24 -11.33
N LEU B 50 -9.36 2.90 -12.45
CA LEU B 50 -10.73 3.27 -12.78
C LEU B 50 -11.60 2.02 -13.08
N LEU B 51 -12.78 1.93 -12.46
CA LEU B 51 -13.78 0.85 -12.78
C LEU B 51 -15.02 1.38 -13.53
N ILE B 52 -15.72 2.31 -12.90
CA ILE B 52 -16.89 2.91 -13.44
C ILE B 52 -16.64 4.43 -13.51
N TYR B 53 -17.02 5.02 -14.64
CA TYR B 53 -16.97 6.47 -14.79
C TYR B 53 -18.34 6.98 -15.14
N LEU B 54 -18.62 8.21 -14.70
CA LEU B 54 -19.93 8.83 -14.87
C LEU B 54 -21.08 7.98 -14.34
N ALA B 55 -20.86 7.33 -13.19
CA ALA B 55 -21.94 6.63 -12.47
C ALA B 55 -22.20 5.20 -12.89
N SER B 56 -22.13 4.91 -14.20
CA SER B 56 -22.50 3.58 -14.69
C SER B 56 -21.92 3.17 -16.02
N ASN B 57 -20.95 3.90 -16.54
CA ASN B 57 -20.22 3.44 -17.70
C ASN B 57 -18.99 2.63 -17.26
N LEU B 58 -18.87 1.39 -17.71
CA LEU B 58 -17.77 0.54 -17.29
C LEU B 58 -16.53 0.91 -18.06
N ASN B 59 -15.44 1.23 -17.37
CA ASN B 59 -14.19 1.62 -18.04
C ASN B 59 -13.66 0.55 -19.00
N SER B 60 -13.15 0.99 -20.14
CA SER B 60 -12.48 0.10 -21.08
C SER B 60 -11.32 -0.69 -20.45
N GLY B 61 -11.23 -1.98 -20.76
CA GLY B 61 -10.25 -2.88 -20.12
C GLY B 61 -10.74 -3.50 -18.82
N VAL B 62 -11.97 -3.23 -18.42
CA VAL B 62 -12.43 -3.70 -17.12
C VAL B 62 -13.54 -4.70 -17.28
N PRO B 63 -13.43 -5.84 -16.60
CA PRO B 63 -14.37 -6.95 -16.72
C PRO B 63 -15.82 -6.53 -16.49
N ALA B 64 -16.68 -6.92 -17.42
CA ALA B 64 -18.15 -6.70 -17.32
C ALA B 64 -18.80 -7.17 -15.99
N ARG B 65 -18.05 -7.91 -15.17
CA ARG B 65 -18.49 -8.25 -13.80
C ARG B 65 -18.75 -7.02 -12.89
N PHE B 66 -18.14 -5.90 -13.27
CA PHE B 66 -18.20 -4.64 -12.53
C PHE B 66 -19.30 -3.78 -13.11
N SER B 67 -20.04 -3.10 -12.24
CA SER B 67 -21.12 -2.20 -12.66
C SER B 67 -21.54 -1.35 -11.50
N GLY B 68 -22.17 -0.23 -11.83
CA GLY B 68 -22.68 0.65 -10.81
C GLY B 68 -23.80 1.54 -11.28
N SER B 69 -24.47 2.13 -10.30
CA SER B 69 -25.56 2.96 -10.64
C SER B 69 -25.73 3.99 -9.56
N GLY B 70 -26.74 4.83 -9.76
CA GLY B 70 -27.10 5.84 -8.80
C GLY B 70 -27.32 7.11 -9.59
N SER B 71 -27.68 8.17 -8.89
CA SER B 71 -27.86 9.45 -9.51
C SER B 71 -27.81 10.44 -8.37
N ARG B 72 -27.59 11.71 -8.73
CA ARG B 72 -27.80 12.82 -7.83
C ARG B 72 -26.93 12.65 -6.60
N THR B 73 -27.40 11.87 -5.63
CA THR B 73 -26.75 11.84 -4.33
C THR B 73 -26.49 10.46 -3.82
N ASP B 74 -27.08 9.46 -4.47
CA ASP B 74 -27.14 8.09 -3.98
C ASP B 74 -26.70 7.14 -5.05
N PHE B 75 -25.59 6.47 -4.78
CA PHE B 75 -24.83 5.78 -5.79
C PHE B 75 -24.40 4.46 -5.18
N THR B 76 -24.23 3.45 -6.03
CA THR B 76 -23.79 2.14 -5.56
C THR B 76 -22.93 1.41 -6.60
N LEU B 77 -22.07 0.55 -6.07
CA LEU B 77 -21.22 -0.29 -6.86
C LEU B 77 -21.53 -1.74 -6.49
N THR B 78 -21.55 -2.56 -7.52
CA THR B 78 -21.83 -3.95 -7.41
C THR B 78 -20.78 -4.70 -8.22
N ILE B 79 -20.22 -5.75 -7.62
CA ILE B 79 -19.32 -6.71 -8.26
C ILE B 79 -20.03 -8.09 -8.24
N ASP B 80 -20.04 -8.75 -9.40
CA ASP B 80 -20.92 -9.90 -9.65
C ASP B 80 -20.58 -10.61 -10.99
N PRO B 81 -19.93 -11.76 -10.91
CA PRO B 81 -19.63 -12.36 -9.60
C PRO B 81 -18.26 -11.94 -9.07
N VAL B 82 -18.07 -12.14 -7.78
CA VAL B 82 -16.80 -11.90 -7.17
C VAL B 82 -15.76 -12.96 -7.58
N GLU B 83 -14.51 -12.51 -7.73
CA GLU B 83 -13.34 -13.33 -8.00
C GLU B 83 -12.34 -13.01 -6.86
N ALA B 84 -11.26 -13.76 -6.74
CA ALA B 84 -10.32 -13.51 -5.64
C ALA B 84 -9.56 -12.23 -5.94
N ASP B 85 -9.49 -11.89 -7.23
CA ASP B 85 -8.76 -10.73 -7.72
C ASP B 85 -9.22 -9.44 -7.08
N ASP B 86 -10.40 -9.48 -6.45
CA ASP B 86 -11.13 -8.29 -6.09
C ASP B 86 -10.92 -7.89 -4.63
N ALA B 87 -10.08 -8.63 -3.92
CA ALA B 87 -9.65 -8.27 -2.59
C ALA B 87 -8.90 -6.91 -2.70
N ALA B 88 -9.46 -5.86 -2.08
CA ALA B 88 -9.10 -4.48 -2.41
C ALA B 88 -9.95 -3.45 -1.67
N THR B 89 -9.50 -2.19 -1.69
CA THR B 89 -10.34 -1.07 -1.26
C THR B 89 -10.95 -0.39 -2.51
N TYR B 90 -12.11 0.22 -2.29
CA TYR B 90 -12.93 0.74 -3.35
C TYR B 90 -13.34 2.16 -2.98
N TYR B 91 -13.20 3.10 -3.92
CA TYR B 91 -13.42 4.51 -3.61
C TYR B 91 -14.43 5.05 -4.60
N CYS B 92 -15.20 6.02 -4.14
CA CYS B 92 -15.96 6.82 -5.05
C CYS B 92 -15.33 8.20 -4.96
N GLN B 93 -15.67 9.06 -5.91
CA GLN B 93 -14.86 10.20 -6.20
C GLN B 93 -15.73 11.12 -7.02
N GLN B 94 -15.88 12.34 -6.54
CA GLN B 94 -16.77 13.26 -7.23
C GLN B 94 -15.98 14.46 -7.79
N ASN B 95 -16.14 14.77 -9.08
CA ASN B 95 -15.39 15.87 -9.69
C ASN B 95 -16.25 16.87 -10.43
N ASN B 96 -17.37 17.24 -9.81
CA ASN B 96 -18.17 18.35 -10.32
C ASN B 96 -18.55 19.43 -9.33
N VAL B 97 -18.05 19.34 -8.09
CA VAL B 97 -18.38 20.30 -7.04
C VAL B 97 -17.19 20.61 -6.16
N ASP B 98 -16.88 21.89 -6.02
CA ASP B 98 -15.75 22.37 -5.24
C ASP B 98 -16.01 22.19 -3.75
N PRO B 99 -15.17 21.43 -3.02
CA PRO B 99 -13.96 20.67 -3.33
C PRO B 99 -14.21 19.26 -3.90
N TRP B 100 -13.31 18.77 -4.76
CA TRP B 100 -13.38 17.39 -5.21
C TRP B 100 -13.01 16.52 -4.02
N THR B 101 -13.66 15.37 -3.90
CA THR B 101 -13.44 14.54 -2.75
C THR B 101 -13.61 13.11 -3.16
N PHE B 102 -13.09 12.25 -2.31
CA PHE B 102 -13.26 10.83 -2.43
C PHE B 102 -14.08 10.34 -1.25
N GLY B 103 -14.78 9.23 -1.44
CA GLY B 103 -15.31 8.52 -0.28
C GLY B 103 -14.14 7.99 0.53
N GLY B 104 -14.37 7.75 1.83
CA GLY B 104 -13.38 7.23 2.78
C GLY B 104 -13.10 5.76 2.57
N GLY B 105 -13.73 5.22 1.52
CA GLY B 105 -13.37 3.89 0.99
C GLY B 105 -14.08 2.73 1.64
N THR B 106 -14.26 1.66 0.86
CA THR B 106 -14.76 0.38 1.42
C THR B 106 -13.79 -0.76 1.12
N LYS B 107 -13.43 -1.54 2.13
CA LYS B 107 -12.55 -2.68 1.88
C LYS B 107 -13.30 -3.99 1.74
N LEU B 108 -13.05 -4.71 0.66
CA LEU B 108 -13.61 -6.00 0.44
C LEU B 108 -12.69 -7.15 0.84
N GLU B 109 -13.20 -8.03 1.71
CA GLU B 109 -12.58 -9.32 2.01
C GLU B 109 -13.34 -10.45 1.31
N ILE B 110 -12.60 -11.42 0.80
CA ILE B 110 -13.15 -12.60 0.16
C ILE B 110 -13.15 -13.73 1.20
N LYS B 111 -14.26 -14.49 1.28
CA LYS B 111 -14.40 -15.62 2.21
C LYS B 111 -13.83 -16.86 1.61
N ARG B 112 -13.14 -17.67 2.42
CA ARG B 112 -12.63 -18.94 1.90
C ARG B 112 -12.58 -20.10 2.89
N ALA B 113 -12.35 -21.30 2.35
CA ALA B 113 -12.08 -22.48 3.19
C ALA B 113 -10.96 -22.10 4.13
N ASP B 114 -11.18 -22.33 5.41
CA ASP B 114 -10.15 -22.15 6.44
C ASP B 114 -8.79 -22.75 6.09
N ALA B 115 -7.73 -22.16 6.60
CA ALA B 115 -6.37 -22.66 6.37
C ALA B 115 -5.48 -22.45 7.56
N ALA B 116 -4.68 -23.46 7.89
CA ALA B 116 -3.68 -23.36 8.96
C ALA B 116 -2.51 -22.53 8.48
N PRO B 117 -1.95 -21.70 9.37
CA PRO B 117 -0.79 -20.98 8.94
C PRO B 117 0.41 -21.92 8.85
N THR B 118 1.33 -21.62 7.96
CA THR B 118 2.65 -22.25 7.95
C THR B 118 3.61 -21.35 8.73
N VAL B 119 4.05 -21.83 9.88
CA VAL B 119 4.98 -21.07 10.74
C VAL B 119 6.45 -21.46 10.52
N SER B 120 7.30 -20.43 10.48
CA SER B 120 8.77 -20.57 10.56
C SER B 120 9.32 -19.49 11.48
N ILE B 121 10.33 -19.87 12.27
CA ILE B 121 10.95 -19.01 13.31
C ILE B 121 12.43 -18.88 13.03
N PHE B 122 13.03 -17.76 13.41
CA PHE B 122 14.33 -17.39 12.86
C PHE B 122 15.31 -16.77 13.84
N PRO B 123 16.52 -17.37 13.95
CA PRO B 123 17.60 -16.86 14.77
C PRO B 123 18.03 -15.48 14.34
N PRO B 124 18.44 -14.65 15.32
CA PRO B 124 19.22 -13.47 15.00
C PRO B 124 20.38 -13.87 14.14
N SER B 125 20.51 -13.25 12.98
CA SER B 125 21.61 -13.55 12.06
C SER B 125 22.95 -13.31 12.73
N SER B 126 23.99 -13.92 12.16
CA SER B 126 25.33 -13.71 12.64
C SER B 126 25.89 -12.46 11.99
N GLU B 127 25.01 -11.59 11.52
CA GLU B 127 25.41 -10.28 11.06
C GLU B 127 24.83 -9.26 12.02
N GLN B 128 23.58 -9.48 12.40
CA GLN B 128 22.93 -8.60 13.36
C GLN B 128 23.69 -8.63 14.70
N LEU B 129 24.22 -9.80 15.03
CA LEU B 129 25.01 -9.97 16.24
C LEU B 129 26.37 -9.30 16.10
N THR B 130 27.07 -9.55 15.00
CA THR B 130 28.40 -8.94 14.77
C THR B 130 28.40 -7.43 14.92
N SER B 131 27.31 -6.78 14.53
CA SER B 131 27.26 -5.33 14.65
C SER B 131 26.71 -4.92 16.02
N GLY B 132 26.27 -5.90 16.80
CA GLY B 132 25.68 -5.66 18.12
C GLY B 132 24.22 -5.27 17.98
N GLY B 133 23.34 -6.24 18.27
CA GLY B 133 21.89 -6.20 17.97
C GLY B 133 21.34 -7.61 17.68
N ALA B 134 20.09 -7.89 18.09
CA ALA B 134 19.54 -9.27 18.06
C ALA B 134 18.01 -9.43 17.95
N SER B 135 17.55 -9.77 16.75
CA SER B 135 16.13 -9.89 16.47
C SER B 135 15.71 -11.30 16.16
N VAL B 136 14.61 -11.71 16.80
CA VAL B 136 13.95 -12.97 16.50
C VAL B 136 12.67 -12.74 15.68
N VAL B 137 12.62 -13.37 14.51
CA VAL B 137 11.46 -13.22 13.62
C VAL B 137 10.62 -14.51 13.51
N CYS B 138 9.31 -14.33 13.51
CA CYS B 138 8.35 -15.40 13.27
CA CYS B 138 8.33 -15.39 13.31
C CYS B 138 7.42 -15.05 12.11
N PHE B 139 7.42 -15.89 11.09
CA PHE B 139 6.50 -15.72 9.96
C PHE B 139 5.30 -16.63 10.13
N LEU B 140 4.09 -16.08 10.01
CA LEU B 140 2.88 -16.87 10.10
C LEU B 140 2.13 -16.75 8.79
N ASN B 141 2.46 -17.61 7.83
CA ASN B 141 2.03 -17.39 6.46
C ASN B 141 0.77 -18.09 6.01
N ASN B 142 0.07 -17.45 5.08
CA ASN B 142 -1.02 -18.04 4.29
C ASN B 142 -2.20 -18.71 5.03
N PHE B 143 -2.73 -18.03 6.02
CA PHE B 143 -3.82 -18.59 6.82
C PHE B 143 -5.14 -17.86 6.63
N TYR B 144 -6.24 -18.55 6.89
CA TYR B 144 -7.58 -17.93 6.94
C TYR B 144 -8.37 -18.57 8.09
N PRO B 145 -9.21 -17.78 8.83
CA PRO B 145 -9.57 -16.34 8.70
C PRO B 145 -8.47 -15.37 9.14
N LYS B 146 -8.76 -14.07 9.14
CA LYS B 146 -7.76 -13.04 9.46
C LYS B 146 -7.35 -12.97 10.94
N ASP B 147 -8.18 -13.50 11.84
CA ASP B 147 -7.91 -13.45 13.28
C ASP B 147 -6.84 -14.47 13.68
N ILE B 148 -5.81 -13.99 14.36
CA ILE B 148 -4.72 -14.84 14.82
C ILE B 148 -4.14 -14.29 16.13
N ASN B 149 -3.33 -15.11 16.80
CA ASN B 149 -2.68 -14.69 18.03
C ASN B 149 -1.24 -15.20 18.12
N VAL B 150 -0.34 -14.35 18.57
CA VAL B 150 1.06 -14.75 18.74
C VAL B 150 1.68 -14.28 20.04
N LYS B 151 2.11 -15.26 20.82
CA LYS B 151 2.74 -15.01 22.11
C LYS B 151 4.19 -15.48 22.05
N TRP B 152 5.07 -14.79 22.79
CA TRP B 152 6.51 -15.09 22.78
C TRP B 152 7.05 -15.64 24.12
N LYS B 153 7.29 -16.96 24.18
CA LYS B 153 7.79 -17.61 25.38
C LYS B 153 9.32 -17.47 25.47
N ILE B 154 9.77 -16.93 26.60
CA ILE B 154 11.20 -16.83 26.93
C ILE B 154 11.55 -17.74 28.11
N ASP B 155 11.91 -18.98 27.77
CA ASP B 155 12.11 -20.07 28.73
C ASP B 155 10.81 -20.44 29.43
N GLY B 156 9.73 -20.53 28.67
CA GLY B 156 8.41 -20.88 29.20
C GLY B 156 7.67 -19.74 29.89
N SER B 157 8.18 -18.50 29.76
CA SER B 157 7.52 -17.28 30.28
C SER B 157 7.37 -16.13 29.27
N GLU B 158 6.12 -15.65 29.16
CA GLU B 158 5.64 -14.64 28.21
C GLU B 158 6.44 -13.33 28.16
N ARG B 159 6.73 -12.85 26.93
CA ARG B 159 7.48 -11.60 26.75
C ARG B 159 6.74 -10.52 25.96
N GLN B 160 6.72 -9.30 26.50
CA GLN B 160 6.12 -8.14 25.84
C GLN B 160 7.04 -6.89 25.87
N ASN B 161 8.33 -7.09 26.15
CA ASN B 161 9.26 -5.96 26.22
C ASN B 161 10.03 -5.64 24.92
N GLY B 162 9.47 -6.04 23.77
CA GLY B 162 10.07 -5.71 22.45
C GLY B 162 9.46 -6.42 21.25
N VAL B 163 8.15 -6.60 21.25
CA VAL B 163 7.44 -7.31 20.17
C VAL B 163 6.93 -6.32 19.15
N LEU B 164 7.12 -6.65 17.88
CA LEU B 164 6.74 -5.80 16.77
C LEU B 164 6.00 -6.67 15.73
N ASN B 165 4.73 -6.34 15.48
CA ASN B 165 3.86 -7.16 14.61
C ASN B 165 3.32 -6.48 13.36
N SER B 166 2.98 -7.25 12.32
CA SER B 166 2.51 -6.67 11.05
C SER B 166 1.72 -7.62 10.14
N TRP B 167 0.50 -7.23 9.80
CA TRP B 167 -0.38 -8.02 8.94
C TRP B 167 -0.30 -7.57 7.50
N THR B 168 -0.43 -8.51 6.56
CA THR B 168 -0.64 -8.17 5.17
C THR B 168 -2.11 -8.09 4.78
N ASP B 169 -2.38 -7.31 3.74
CA ASP B 169 -3.72 -7.27 3.13
C ASP B 169 -3.94 -8.61 2.42
N GLN B 170 -5.19 -8.91 2.10
CA GLN B 170 -5.53 -10.23 1.58
C GLN B 170 -4.88 -10.54 0.22
N ASP B 171 -4.39 -11.76 0.09
CA ASP B 171 -3.74 -12.21 -1.14
C ASP B 171 -4.77 -12.26 -2.26
N SER B 172 -4.39 -11.74 -3.42
CA SER B 172 -5.26 -11.63 -4.57
C SER B 172 -5.51 -12.98 -5.27
N LYS B 173 -4.71 -14.00 -4.95
CA LYS B 173 -4.87 -15.28 -5.65
C LYS B 173 -5.36 -16.48 -4.81
N ASP B 174 -4.96 -16.53 -3.54
CA ASP B 174 -5.35 -17.65 -2.68
C ASP B 174 -6.23 -17.19 -1.50
N SER B 175 -6.37 -15.87 -1.34
CA SER B 175 -7.27 -15.24 -0.38
C SER B 175 -6.87 -15.46 1.07
N THR B 176 -5.60 -15.87 1.26
CA THR B 176 -5.01 -15.96 2.60
C THR B 176 -4.43 -14.62 3.08
N TYR B 177 -4.12 -14.55 4.37
CA TYR B 177 -3.45 -13.41 5.01
C TYR B 177 -2.11 -13.96 5.48
N SER B 178 -1.20 -13.10 5.88
CA SER B 178 0.06 -13.54 6.45
C SER B 178 0.44 -12.53 7.49
N MET B 179 1.31 -12.92 8.41
CA MET B 179 1.67 -12.06 9.54
C MET B 179 3.16 -12.21 9.92
N SER B 180 3.64 -11.39 10.88
CA SER B 180 5.06 -11.20 11.11
C SER B 180 5.40 -10.62 12.47
N SER B 181 5.77 -11.49 13.41
CA SER B 181 6.16 -11.08 14.75
C SER B 181 7.68 -11.03 14.87
N THR B 182 8.19 -9.89 15.28
CA THR B 182 9.62 -9.64 15.36
C THR B 182 9.94 -9.28 16.81
N LEU B 183 11.14 -9.67 17.27
CA LEU B 183 11.56 -9.48 18.67
C LEU B 183 12.98 -8.93 18.79
N THR B 184 13.09 -7.70 19.29
CA THR B 184 14.37 -6.97 19.30
C THR B 184 14.90 -6.71 20.71
N LEU B 185 16.17 -7.08 20.93
CA LEU B 185 16.91 -6.87 22.19
C LEU B 185 18.37 -6.73 21.77
N THR B 186 19.27 -6.48 22.73
CA THR B 186 20.71 -6.41 22.37
C THR B 186 21.36 -7.79 22.19
N LYS B 187 22.64 -7.79 21.83
CA LYS B 187 23.48 -8.99 21.79
C LYS B 187 23.46 -9.72 23.15
N ASP B 188 23.27 -8.94 24.22
CA ASP B 188 23.33 -9.44 25.58
C ASP B 188 21.94 -9.86 26.08
N GLU B 189 21.02 -8.91 26.25
CA GLU B 189 19.70 -9.24 26.80
C GLU B 189 19.11 -10.48 26.10
N TYR B 190 19.77 -10.89 25.01
CA TYR B 190 19.40 -12.08 24.22
C TYR B 190 20.20 -13.32 24.62
N GLU B 191 21.49 -13.12 24.89
CA GLU B 191 22.37 -14.13 25.48
C GLU B 191 22.12 -14.38 26.98
N ARG B 192 21.25 -13.60 27.61
CA ARG B 192 20.88 -13.84 29.02
C ARG B 192 19.81 -14.93 29.18
N HIS B 193 19.11 -15.25 28.10
CA HIS B 193 18.19 -16.37 28.11
C HIS B 193 18.60 -17.38 27.02
N ASN B 194 17.91 -18.53 26.97
CA ASN B 194 18.20 -19.58 25.97
C ASN B 194 17.00 -20.08 25.13
N SER B 195 15.83 -20.16 25.74
CA SER B 195 14.64 -20.79 25.12
C SER B 195 13.68 -19.78 24.50
N TYR B 196 13.57 -19.85 23.17
CA TYR B 196 12.74 -18.91 22.40
C TYR B 196 11.61 -19.58 21.65
N THR B 197 10.40 -19.03 21.82
CA THR B 197 9.18 -19.60 21.24
C THR B 197 8.12 -18.57 20.75
N CYS B 198 7.57 -18.83 19.56
CA CYS B 198 6.39 -18.09 19.13
CA CYS B 198 6.43 -18.10 18.98
C CYS B 198 5.21 -19.03 18.98
N GLU B 199 4.10 -18.62 19.58
CA GLU B 199 2.88 -19.42 19.71
C GLU B 199 1.72 -19.02 18.83
N ALA B 200 1.49 -19.82 17.81
CA ALA B 200 0.47 -19.56 16.82
C ALA B 200 -0.87 -20.07 17.29
N THR B 201 -1.58 -19.20 18.04
CA THR B 201 -2.92 -19.54 18.52
C THR B 201 -3.96 -19.06 17.52
N HIS B 202 -4.16 -19.87 16.47
CA HIS B 202 -5.13 -19.63 15.39
C HIS B 202 -6.36 -20.53 15.61
N LYS B 203 -7.42 -20.31 14.82
CA LYS B 203 -8.65 -21.14 14.81
C LYS B 203 -8.40 -22.62 14.38
N THR B 204 -7.91 -22.81 13.15
CA THR B 204 -7.82 -24.12 12.45
C THR B 204 -7.36 -25.36 13.25
N SER B 205 -6.69 -25.15 14.37
CA SER B 205 -6.37 -26.25 15.30
C SER B 205 -6.77 -25.83 16.70
N THR B 206 -7.26 -26.78 17.49
CA THR B 206 -7.70 -26.48 18.86
C THR B 206 -6.55 -26.13 19.81
N SER B 207 -5.34 -26.59 19.49
CA SER B 207 -4.16 -26.25 20.27
C SER B 207 -3.15 -25.41 19.45
N PRO B 208 -2.35 -24.56 20.13
CA PRO B 208 -1.32 -23.75 19.50
C PRO B 208 -0.38 -24.50 18.54
N ILE B 209 0.19 -23.76 17.58
CA ILE B 209 1.32 -24.26 16.81
C ILE B 209 2.55 -23.59 17.45
N VAL B 210 3.34 -24.40 18.14
CA VAL B 210 4.59 -23.94 18.74
C VAL B 210 5.69 -24.10 17.69
N LYS B 211 6.56 -23.10 17.59
CA LYS B 211 7.84 -23.24 16.90
C LYS B 211 8.91 -22.67 17.78
N SER B 212 10.09 -23.33 17.82
CA SER B 212 11.12 -23.04 18.81
CA SER B 212 11.12 -22.99 18.78
C SER B 212 12.55 -23.30 18.34
N PHE B 213 13.50 -22.76 19.12
CA PHE B 213 14.92 -23.01 19.00
C PHE B 213 15.58 -22.58 20.32
N ASN B 214 16.85 -22.94 20.49
CA ASN B 214 17.64 -22.64 21.68
C ASN B 214 18.99 -22.11 21.30
N ARG B 215 19.40 -21.05 22.00
CA ARG B 215 20.57 -20.25 21.66
C ARG B 215 21.90 -21.01 21.81
N LEU C 3 -17.57 19.46 -22.90
CA LEU C 3 -17.46 20.02 -21.52
C LEU C 3 -16.05 20.46 -21.14
N ILE C 4 -16.00 21.47 -20.29
CA ILE C 4 -14.80 22.17 -19.89
C ILE C 4 -14.98 22.40 -18.39
N ASN C 5 -13.91 22.48 -17.63
CA ASN C 5 -14.08 22.62 -16.19
C ASN C 5 -13.42 23.89 -15.70
N THR C 6 -14.22 24.72 -15.05
CA THR C 6 -13.73 25.91 -14.35
C THR C 6 -13.94 25.65 -12.88
N ASN C 7 -12.95 26.00 -12.05
CA ASN C 7 -13.10 25.91 -10.60
C ASN C 7 -13.92 24.67 -10.19
N GLY C 8 -13.61 23.55 -10.82
CA GLY C 8 -14.16 22.28 -10.43
C GLY C 8 -15.58 21.96 -10.84
N SER C 9 -16.18 22.73 -11.74
CA SER C 9 -17.49 22.34 -12.29
C SER C 9 -17.40 22.27 -13.78
N TRP C 10 -17.99 21.22 -14.33
CA TRP C 10 -18.07 21.05 -15.77
C TRP C 10 -19.27 21.84 -16.33
N HIS C 11 -18.98 22.63 -17.35
CA HIS C 11 -19.87 23.57 -17.99
CA HIS C 11 -19.99 23.43 -18.03
C HIS C 11 -19.71 23.41 -19.52
N ILE C 12 -20.62 23.99 -20.29
CA ILE C 12 -20.40 24.25 -21.73
C ILE C 12 -19.75 25.63 -21.94
#